data_3MR7
#
_entry.id   3MR7
#
_cell.length_a   97.106
_cell.length_b   97.106
_cell.length_c   216.743
_cell.angle_alpha   90.00
_cell.angle_beta   90.00
_cell.angle_gamma   120.00
#
_symmetry.space_group_name_H-M   'P 61 2 2'
#
loop_
_entity.id
_entity.type
_entity.pdbx_description
1 polymer 'Adenylate/guanylate cyclase/hydrolase, alpha/beta fold family'
2 water water
#
_entity_poly.entity_id   1
_entity_poly.type   'polypeptide(L)'
_entity_poly.pdbx_seq_one_letter_code
;SNAERRLCAILAAD(MSE)AGYSRL(MSE)ERNETDVLNRQKLYRRELIDPAIAQAGGQIVKTTGDG(MSE)LARFDTAQ
AALRCALEIQQA(MSE)QQREEDTPRKERIQYRIGINIGDIVLEDGDIFGDAVNVAARLEAISEPGAICVSDIVHQITQD
RVSEPFTDLGLQKVKNITRPIRVWQWVPDADRDQSHDPQPSHVQH
;
_entity_poly.pdbx_strand_id   A,B,C
#
# COMPACT_ATOMS: atom_id res chain seq x y z
N ASN A 2 -12.41 -18.72 -16.52
CA ASN A 2 -11.09 -18.91 -15.95
C ASN A 2 -10.69 -17.90 -14.84
N ALA A 3 -11.03 -16.64 -15.03
CA ALA A 3 -10.50 -15.55 -14.21
C ALA A 3 -11.52 -14.48 -13.83
N GLU A 4 -11.42 -13.98 -12.59
CA GLU A 4 -12.40 -13.06 -12.02
C GLU A 4 -11.83 -11.75 -11.39
N ARG A 5 -12.74 -10.83 -11.09
CA ARG A 5 -12.37 -9.59 -10.44
C ARG A 5 -13.11 -9.55 -9.14
N ARG A 6 -12.41 -9.38 -8.04
CA ARG A 6 -13.12 -8.93 -6.87
C ARG A 6 -12.38 -7.90 -6.00
N LEU A 7 -13.09 -7.41 -5.00
CA LEU A 7 -12.55 -6.48 -4.01
C LEU A 7 -11.88 -7.32 -2.90
N CYS A 8 -10.60 -7.09 -2.62
CA CYS A 8 -9.91 -7.99 -1.70
C CYS A 8 -9.01 -7.29 -0.75
N ALA A 9 -8.81 -7.90 0.41
CA ALA A 9 -7.84 -7.42 1.37
C ALA A 9 -6.55 -8.20 1.14
N ILE A 10 -5.53 -7.52 0.67
CA ILE A 10 -4.24 -8.13 0.45
C ILE A 10 -3.30 -7.78 1.59
N LEU A 11 -2.50 -8.76 2.01
CA LEU A 11 -1.53 -8.66 3.07
C LEU A 11 -0.18 -9.17 2.55
N ALA A 12 0.84 -8.31 2.59
CA ALA A 12 2.21 -8.73 2.24
C ALA A 12 3.09 -8.70 3.48
N ALA A 13 3.98 -9.67 3.58
CA ALA A 13 4.94 -9.76 4.70
C ALA A 13 6.32 -10.27 4.29
N ASP A 14 7.36 -9.77 4.94
CA ASP A 14 8.74 -10.19 4.69
C ASP A 14 9.48 -10.15 6.02
N ALA A 16 12.55 -8.84 8.29
CA ALA A 16 13.51 -7.74 8.33
C ALA A 16 14.86 -8.30 8.67
N GLY A 17 15.91 -7.56 8.37
CA GLY A 17 17.17 -7.74 9.08
C GLY A 17 18.06 -8.82 8.52
N TYR A 18 19.15 -9.07 9.23
CA TYR A 18 20.07 -10.16 8.90
C TYR A 18 20.65 -10.09 7.49
N SER A 19 21.20 -8.94 7.14
CA SER A 19 21.84 -8.77 5.84
C SER A 19 22.81 -9.90 5.42
N ARG A 20 22.53 -10.47 4.24
CA ARG A 20 23.43 -11.40 3.51
C ARG A 20 24.89 -10.89 3.37
N LEU A 21 25.14 -9.63 3.73
CA LEU A 21 26.45 -9.06 3.55
C LEU A 21 27.25 -9.31 4.78
N GLU A 23 27.83 -11.98 5.30
CA GLU A 23 28.55 -13.11 4.69
C GLU A 23 28.48 -14.30 5.65
N ARG A 24 27.32 -14.54 6.24
CA ARG A 24 27.19 -15.65 7.15
C ARG A 24 25.85 -16.41 7.13
N ASN A 25 25.93 -17.74 7.17
CA ASN A 25 24.75 -18.58 7.20
C ASN A 25 24.22 -18.65 8.62
N GLU A 26 23.00 -18.19 8.78
CA GLU A 26 22.46 -17.92 10.08
C GLU A 26 21.46 -18.99 10.42
N THR A 27 21.87 -20.23 10.23
CA THR A 27 20.97 -21.34 10.35
C THR A 27 20.08 -21.26 11.59
N ASP A 28 20.66 -20.91 12.73
CA ASP A 28 19.85 -20.73 13.95
C ASP A 28 18.67 -19.78 13.72
N VAL A 29 18.97 -18.57 13.24
CA VAL A 29 17.95 -17.59 12.94
C VAL A 29 16.98 -18.06 11.84
N LEU A 30 17.50 -18.65 10.77
CA LEU A 30 16.64 -19.11 9.69
C LEU A 30 15.70 -20.25 10.12
N ASN A 31 16.14 -21.05 11.09
CA ASN A 31 15.29 -22.08 11.66
C ASN A 31 14.20 -21.55 12.59
N ARG A 32 14.53 -20.51 13.34
CA ARG A 32 13.53 -19.85 14.15
C ARG A 32 12.41 -19.36 13.26
N GLN A 33 12.73 -18.65 12.18
CA GLN A 33 11.68 -18.07 11.34
C GLN A 33 10.86 -19.18 10.69
N LYS A 34 11.52 -20.27 10.31
CA LYS A 34 10.77 -21.41 9.81
C LYS A 34 9.74 -21.85 10.86
N LEU A 35 10.15 -21.88 12.12
CA LEU A 35 9.25 -22.20 13.22
C LEU A 35 8.08 -21.25 13.38
N TYR A 36 8.36 -19.95 13.39
CA TYR A 36 7.31 -18.93 13.55
C TYR A 36 6.31 -18.99 12.41
N ARG A 37 6.83 -19.10 11.19
CA ARG A 37 5.94 -19.28 10.04
C ARG A 37 4.96 -20.41 10.30
N ARG A 38 5.43 -21.48 10.95
CA ARG A 38 4.61 -22.66 11.08
C ARG A 38 3.69 -22.59 12.27
N GLU A 39 4.21 -22.03 13.35
CA GLU A 39 3.49 -22.01 14.61
C GLU A 39 2.71 -20.73 14.88
N LEU A 40 3.03 -19.65 14.17
CA LEU A 40 2.47 -18.35 14.54
C LEU A 40 1.74 -17.75 13.37
N ILE A 41 2.47 -17.53 12.28
CA ILE A 41 1.88 -16.97 11.07
C ILE A 41 0.83 -17.84 10.38
N ASP A 42 1.28 -18.95 9.81
CA ASP A 42 0.37 -19.83 9.08
C ASP A 42 -0.94 -20.10 9.82
N PRO A 43 -0.87 -20.36 11.13
CA PRO A 43 -2.09 -20.49 11.95
C PRO A 43 -2.98 -19.23 12.05
N ALA A 44 -2.40 -18.09 12.38
CA ALA A 44 -3.17 -16.86 12.52
C ALA A 44 -3.93 -16.54 11.24
N ILE A 45 -3.28 -16.81 10.12
CA ILE A 45 -3.86 -16.53 8.82
C ILE A 45 -5.05 -17.42 8.52
N ALA A 46 -4.89 -18.72 8.76
CA ALA A 46 -6.01 -19.67 8.70
C ALA A 46 -7.12 -19.33 9.69
N GLN A 47 -6.79 -19.21 10.96
CA GLN A 47 -7.80 -18.81 11.95
C GLN A 47 -8.62 -17.63 11.47
N ALA A 48 -7.99 -16.71 10.74
CA ALA A 48 -8.62 -15.45 10.33
C ALA A 48 -9.35 -15.51 8.99
N GLY A 49 -9.41 -16.70 8.39
CA GLY A 49 -10.13 -16.90 7.14
C GLY A 49 -9.32 -16.66 5.88
N GLY A 50 -8.08 -16.24 6.08
CA GLY A 50 -7.25 -15.89 4.94
C GLY A 50 -6.73 -17.08 4.19
N GLN A 51 -6.14 -16.81 3.03
CA GLN A 51 -5.39 -17.80 2.28
C GLN A 51 -4.08 -17.21 1.86
N ILE A 52 -3.01 -17.97 2.07
CA ILE A 52 -1.75 -17.64 1.43
C ILE A 52 -1.91 -17.79 -0.08
N VAL A 53 -1.46 -16.81 -0.83
CA VAL A 53 -1.44 -16.90 -2.28
C VAL A 53 -0.11 -17.46 -2.73
N LYS A 54 0.98 -17.05 -2.08
CA LYS A 54 2.30 -17.50 -2.51
C LYS A 54 3.45 -16.85 -1.75
N THR A 55 4.57 -17.51 -1.67
CA THR A 55 5.73 -16.82 -1.15
C THR A 55 6.72 -16.85 -2.27
N THR A 56 7.35 -15.72 -2.50
CA THR A 56 8.27 -15.56 -3.60
C THR A 56 9.52 -14.90 -3.05
N GLY A 57 10.45 -14.55 -3.92
CA GLY A 57 11.62 -13.82 -3.49
C GLY A 57 11.24 -12.52 -2.82
N ASP A 58 10.02 -12.07 -3.11
CA ASP A 58 9.52 -10.78 -2.64
C ASP A 58 8.90 -10.93 -1.27
N GLY A 59 8.75 -12.18 -0.83
CA GLY A 59 8.08 -12.43 0.43
C GLY A 59 6.75 -13.10 0.21
N LEU A 61 2.35 -13.39 0.33
CA LEU A 61 1.19 -12.62 -0.07
C LEU A 61 -0.04 -13.40 0.32
N ALA A 62 -0.93 -12.81 1.09
CA ALA A 62 -2.12 -13.57 1.48
C ALA A 62 -3.32 -12.69 1.29
N ARG A 63 -4.50 -13.29 1.25
CA ARG A 63 -5.69 -12.50 1.03
C ARG A 63 -6.82 -12.92 1.93
N PHE A 64 -7.68 -11.96 2.21
CA PHE A 64 -8.73 -12.09 3.20
C PHE A 64 -10.07 -11.52 2.66
N ASP A 65 -11.17 -11.94 3.27
CA ASP A 65 -12.47 -11.52 2.80
C ASP A 65 -12.88 -10.23 3.42
N THR A 66 -12.43 -9.96 4.64
CA THR A 66 -12.68 -8.67 5.24
C THR A 66 -11.39 -7.92 5.47
N ALA A 67 -11.45 -6.60 5.45
CA ALA A 67 -10.33 -5.77 5.87
C ALA A 67 -10.02 -6.02 7.35
N GLN A 68 -11.05 -6.11 8.18
CA GLN A 68 -10.82 -6.40 9.58
C GLN A 68 -9.93 -7.64 9.78
N ALA A 69 -10.22 -8.75 9.08
CA ALA A 69 -9.50 -10.02 9.34
C ALA A 69 -8.03 -9.95 8.95
N ALA A 70 -7.73 -9.28 7.85
CA ALA A 70 -6.34 -9.04 7.49
C ALA A 70 -5.65 -8.34 8.66
N LEU A 71 -6.30 -7.31 9.19
CA LEU A 71 -5.64 -6.47 10.19
C LEU A 71 -5.48 -7.17 11.53
N ARG A 72 -6.50 -7.87 12.01
CA ARG A 72 -6.37 -8.57 13.28
C ARG A 72 -5.32 -9.66 13.15
N CYS A 73 -5.26 -10.22 11.95
CA CYS A 73 -4.29 -11.26 11.72
C CYS A 73 -2.87 -10.70 11.86
N ALA A 74 -2.59 -9.56 11.24
CA ALA A 74 -1.28 -8.91 11.36
C ALA A 74 -0.98 -8.44 12.77
N LEU A 75 -1.99 -7.92 13.44
CA LEU A 75 -1.79 -7.48 14.79
C LEU A 75 -1.48 -8.68 15.68
N GLU A 76 -2.14 -9.81 15.42
CA GLU A 76 -1.98 -11.05 16.17
C GLU A 76 -0.56 -11.55 16.05
N ILE A 77 -0.10 -11.62 14.81
CA ILE A 77 1.26 -11.94 14.49
C ILE A 77 2.33 -11.01 15.11
N GLN A 78 2.22 -9.70 14.87
CA GLN A 78 3.20 -8.74 15.34
C GLN A 78 3.26 -8.63 16.85
N GLN A 79 2.11 -8.70 17.53
CA GLN A 79 2.12 -8.72 18.98
C GLN A 79 2.72 -9.99 19.62
N ALA A 80 2.59 -11.13 18.95
CA ALA A 80 3.14 -12.35 19.49
C ALA A 80 4.65 -12.32 19.27
N GLN A 82 6.50 -9.76 19.28
CA GLN A 82 7.12 -8.91 20.30
C GLN A 82 7.41 -9.74 21.55
N GLN A 83 6.47 -10.58 21.95
CA GLN A 83 6.65 -11.41 23.13
C GLN A 83 7.70 -12.49 22.88
N ARG A 84 7.58 -13.17 21.74
CA ARG A 84 8.43 -14.32 21.46
C ARG A 84 9.93 -13.99 21.38
N GLU A 85 10.25 -12.75 21.04
CA GLU A 85 11.63 -12.37 20.84
C GLU A 85 12.17 -11.44 21.95
N GLU A 86 11.42 -11.28 23.04
CA GLU A 86 11.80 -10.24 24.00
C GLU A 86 12.99 -10.61 24.89
N ASP A 87 13.30 -11.89 24.99
CA ASP A 87 14.44 -12.32 25.79
C ASP A 87 15.68 -12.55 24.93
N THR A 88 15.53 -12.22 23.65
CA THR A 88 16.63 -12.14 22.70
C THR A 88 17.04 -10.67 22.62
N PRO A 89 18.35 -10.40 22.50
CA PRO A 89 18.81 -9.01 22.37
C PRO A 89 18.27 -8.29 21.12
N ARG A 90 18.08 -6.98 21.20
CA ARG A 90 17.44 -6.22 20.11
C ARG A 90 18.00 -6.48 18.71
N LYS A 91 19.30 -6.25 18.50
CA LYS A 91 19.88 -6.37 17.17
C LYS A 91 19.86 -7.80 16.61
N GLU A 92 19.43 -8.77 17.42
CA GLU A 92 19.39 -10.15 16.98
C GLU A 92 17.96 -10.69 16.79
N ARG A 93 16.97 -9.93 17.21
CA ARG A 93 15.61 -10.39 17.13
C ARG A 93 15.12 -10.58 15.68
N ILE A 94 14.22 -11.53 15.48
CA ILE A 94 13.60 -11.71 14.18
C ILE A 94 12.41 -10.78 14.17
N GLN A 95 12.26 -9.97 13.14
CA GLN A 95 11.04 -9.19 13.03
C GLN A 95 10.50 -9.22 11.64
N TYR A 96 9.18 -9.32 11.53
CA TYR A 96 8.55 -9.21 10.23
C TYR A 96 8.15 -7.75 9.89
N ARG A 97 7.99 -7.45 8.60
CA ARG A 97 7.36 -6.20 8.15
C ARG A 97 6.02 -6.60 7.53
N ILE A 98 4.99 -5.78 7.66
CA ILE A 98 3.71 -6.15 7.06
C ILE A 98 3.01 -4.98 6.45
N GLY A 99 2.51 -5.18 5.23
CA GLY A 99 1.68 -4.21 4.54
C GLY A 99 0.32 -4.81 4.21
N ILE A 100 -0.70 -3.97 4.20
CA ILE A 100 -2.05 -4.43 3.92
C ILE A 100 -2.70 -3.37 3.07
N ASN A 101 -3.41 -3.77 2.03
CA ASN A 101 -4.09 -2.80 1.17
C ASN A 101 -5.43 -3.36 0.71
N ILE A 102 -6.21 -2.56 0.00
CA ILE A 102 -7.45 -3.05 -0.59
C ILE A 102 -7.65 -2.57 -2.04
N GLY A 103 -8.35 -3.35 -2.84
CA GLY A 103 -8.61 -2.94 -4.20
C GLY A 103 -9.44 -3.95 -4.96
N ASP A 104 -9.92 -3.55 -6.14
CA ASP A 104 -10.38 -4.51 -7.14
C ASP A 104 -9.11 -5.13 -7.77
N ILE A 105 -8.90 -6.42 -7.58
CA ILE A 105 -7.76 -7.07 -8.20
C ILE A 105 -8.30 -8.28 -8.90
N VAL A 106 -7.53 -8.85 -9.82
CA VAL A 106 -7.95 -10.05 -10.53
C VAL A 106 -7.36 -11.33 -9.92
N LEU A 107 -8.18 -12.36 -9.76
CA LEU A 107 -7.65 -13.65 -9.36
C LEU A 107 -7.68 -14.56 -10.57
N GLU A 108 -6.73 -15.49 -10.67
CA GLU A 108 -6.69 -16.36 -11.84
C GLU A 108 -5.64 -17.44 -11.69
N ASP A 109 -6.07 -18.63 -11.28
CA ASP A 109 -5.16 -19.76 -11.11
C ASP A 109 -4.23 -19.57 -9.92
N GLY A 110 -4.81 -19.40 -8.74
CA GLY A 110 -4.04 -19.31 -7.50
C GLY A 110 -3.08 -18.14 -7.42
N ASP A 111 -3.26 -17.15 -8.30
CA ASP A 111 -2.47 -15.93 -8.23
C ASP A 111 -3.29 -14.65 -8.35
N ILE A 112 -2.77 -13.55 -7.81
CA ILE A 112 -3.54 -12.33 -7.78
C ILE A 112 -2.85 -11.21 -8.56
N PHE A 113 -3.64 -10.29 -9.09
CA PHE A 113 -3.10 -9.26 -9.98
C PHE A 113 -3.77 -7.92 -9.76
N GLY A 114 -3.03 -6.85 -10.01
CA GLY A 114 -3.56 -5.50 -9.98
C GLY A 114 -2.71 -4.54 -9.18
N ASP A 115 -2.85 -3.25 -9.48
CA ASP A 115 -2.22 -2.21 -8.68
C ASP A 115 -2.36 -2.52 -7.19
N ALA A 116 -3.59 -2.73 -6.72
CA ALA A 116 -3.79 -2.95 -5.30
C ALA A 116 -2.81 -3.98 -4.70
N VAL A 117 -2.41 -4.98 -5.46
CA VAL A 117 -1.43 -5.94 -4.94
C VAL A 117 -0.04 -5.30 -4.82
N ASN A 118 0.37 -4.59 -5.86
CA ASN A 118 1.63 -3.87 -5.86
C ASN A 118 1.75 -2.92 -4.70
N VAL A 119 0.63 -2.32 -4.33
CA VAL A 119 0.59 -1.40 -3.23
C VAL A 119 0.73 -2.11 -1.87
N ALA A 120 0.20 -3.33 -1.75
CA ALA A 120 0.33 -4.06 -0.48
C ALA A 120 1.80 -4.39 -0.26
N ALA A 121 2.44 -4.81 -1.35
CA ALA A 121 3.84 -5.21 -1.35
C ALA A 121 4.75 -4.06 -0.96
N ARG A 122 4.49 -2.90 -1.55
CA ARG A 122 5.25 -1.69 -1.25
C ARG A 122 5.08 -1.27 0.21
N LEU A 123 3.85 -1.38 0.72
CA LEU A 123 3.59 -1.06 2.11
C LEU A 123 4.43 -1.93 3.03
N GLU A 124 4.54 -3.21 2.70
CA GLU A 124 5.38 -4.12 3.45
C GLU A 124 6.82 -3.58 3.44
N ALA A 125 7.30 -3.23 2.27
CA ALA A 125 8.70 -2.86 2.14
C ALA A 125 9.08 -1.59 2.89
N ILE A 126 8.18 -0.62 2.97
CA ILE A 126 8.52 0.61 3.68
C ILE A 126 8.11 0.53 5.15
N SER A 127 7.30 -0.46 5.52
CA SER A 127 6.89 -0.61 6.92
C SER A 127 8.07 -0.74 7.84
N GLU A 128 7.99 -0.22 9.05
CA GLU A 128 9.13 -0.48 9.89
C GLU A 128 9.09 -1.86 10.50
N PRO A 129 10.25 -2.39 10.85
CA PRO A 129 10.31 -3.78 11.28
C PRO A 129 9.47 -3.94 12.53
N GLY A 130 8.69 -5.02 12.54
CA GLY A 130 7.81 -5.33 13.64
C GLY A 130 6.49 -4.60 13.62
N ALA A 131 6.28 -3.73 12.63
CA ALA A 131 5.13 -2.89 12.56
C ALA A 131 4.21 -3.36 11.46
N ILE A 132 3.16 -2.60 11.19
CA ILE A 132 2.21 -2.89 10.15
C ILE A 132 1.87 -1.59 9.44
N CYS A 133 2.00 -1.53 8.12
CA CYS A 133 1.60 -0.35 7.35
C CYS A 133 0.36 -0.67 6.53
N VAL A 134 -0.65 0.17 6.60
CA VAL A 134 -1.89 -0.06 5.84
C VAL A 134 -2.20 1.15 5.00
N SER A 135 -2.79 0.93 3.85
CA SER A 135 -3.12 2.07 3.03
C SER A 135 -4.23 2.82 3.73
N ASP A 136 -4.50 4.03 3.25
CA ASP A 136 -5.54 4.90 3.76
C ASP A 136 -6.91 4.27 3.58
N ILE A 137 -7.15 3.61 2.45
CA ILE A 137 -8.40 2.91 2.27
C ILE A 137 -8.59 1.93 3.43
N VAL A 138 -7.54 1.17 3.78
CA VAL A 138 -7.69 0.14 4.81
C VAL A 138 -8.01 0.83 6.11
N HIS A 139 -7.34 1.95 6.32
CA HIS A 139 -7.52 2.68 7.58
C HIS A 139 -8.91 3.23 7.79
N GLN A 140 -9.55 3.73 6.73
CA GLN A 140 -10.87 4.36 6.88
C GLN A 140 -11.88 3.29 7.26
N ILE A 141 -11.60 2.05 6.89
CA ILE A 141 -12.51 0.94 7.14
C ILE A 141 -12.28 0.27 8.47
N THR A 142 -11.02 0.33 8.96
CA THR A 142 -10.66 -0.47 10.14
C THR A 142 -10.46 0.31 11.44
N GLN A 143 -10.17 1.61 11.31
CA GLN A 143 -9.90 2.51 12.45
C GLN A 143 -10.76 2.24 13.69
N ASP A 144 -12.05 2.04 13.50
CA ASP A 144 -12.93 1.91 14.65
C ASP A 144 -13.14 0.48 15.11
N ARG A 145 -12.64 -0.48 14.35
CA ARG A 145 -12.77 -1.87 14.69
C ARG A 145 -11.62 -2.35 15.54
N VAL A 146 -10.52 -1.61 15.55
CA VAL A 146 -9.32 -2.01 16.24
C VAL A 146 -8.95 -0.94 17.25
N SER A 147 -8.73 -1.31 18.50
CA SER A 147 -8.32 -0.34 19.53
C SER A 147 -6.91 0.22 19.29
N GLU A 148 -6.05 -0.61 18.71
CA GLU A 148 -4.67 -0.21 18.41
C GLU A 148 -4.64 1.05 17.52
N PRO A 149 -3.78 2.01 17.89
CA PRO A 149 -3.68 3.29 17.19
C PRO A 149 -2.73 3.27 15.98
N PHE A 150 -3.07 4.07 14.98
CA PHE A 150 -2.23 4.24 13.80
C PHE A 150 -1.86 5.69 13.65
N THR A 151 -0.75 5.92 12.97
CA THR A 151 -0.24 7.24 12.75
C THR A 151 -0.05 7.52 11.26
N ASP A 152 -0.63 8.62 10.78
CA ASP A 152 -0.46 9.05 9.41
C ASP A 152 1.03 9.16 9.13
N LEU A 153 1.46 8.61 8.00
CA LEU A 153 2.86 8.61 7.61
C LEU A 153 3.08 9.50 6.39
N GLY A 154 1.99 9.99 5.81
CA GLY A 154 2.11 10.78 4.61
C GLY A 154 2.00 9.98 3.33
N LEU A 155 2.47 10.59 2.25
CA LEU A 155 2.29 10.04 0.92
C LEU A 155 3.46 9.20 0.48
N GLN A 156 3.16 8.22 -0.35
CA GLN A 156 4.12 7.25 -0.76
C GLN A 156 3.91 7.03 -2.25
N LYS A 157 4.93 7.30 -3.06
CA LYS A 157 4.80 7.03 -4.48
C LYS A 157 5.17 5.57 -4.68
N VAL A 158 4.45 4.87 -5.53
CA VAL A 158 4.71 3.44 -5.74
C VAL A 158 5.04 3.17 -7.19
N LYS A 159 6.05 2.36 -7.44
CA LYS A 159 6.55 2.17 -8.80
C LYS A 159 5.38 1.91 -9.78
N ASN A 160 5.27 2.73 -10.83
CA ASN A 160 4.25 2.51 -11.88
C ASN A 160 2.79 2.83 -11.51
N ILE A 161 2.60 3.38 -10.31
CA ILE A 161 1.34 3.93 -9.93
C ILE A 161 1.54 5.45 -9.92
N THR A 162 0.73 6.14 -10.71
CA THR A 162 0.89 7.58 -10.83
C THR A 162 0.50 8.29 -9.53
N ARG A 163 -0.67 7.97 -8.99
CA ARG A 163 -1.11 8.57 -7.71
C ARG A 163 -0.49 7.90 -6.49
N PRO A 164 0.29 8.65 -5.71
CA PRO A 164 0.80 8.19 -4.42
C PRO A 164 -0.28 7.81 -3.41
N ILE A 165 0.08 7.04 -2.38
CA ILE A 165 -0.89 6.54 -1.42
C ILE A 165 -0.57 7.09 -0.05
N ARG A 166 -1.61 7.42 0.73
N ARG A 166 -1.60 7.42 0.72
CA ARG A 166 -1.43 7.86 2.09
CA ARG A 166 -1.42 7.84 2.10
C ARG A 166 -1.33 6.61 2.97
C ARG A 166 -1.31 6.59 2.95
N VAL A 167 -0.26 6.53 3.75
CA VAL A 167 0.08 5.33 4.49
C VAL A 167 0.01 5.56 6.00
N TRP A 168 -0.68 4.65 6.67
CA TRP A 168 -0.82 4.72 8.12
C TRP A 168 -0.04 3.57 8.70
N GLN A 169 0.56 3.81 9.85
CA GLN A 169 1.41 2.82 10.48
C GLN A 169 1.14 2.61 11.96
N TRP A 170 1.26 1.37 12.36
CA TRP A 170 1.18 1.02 13.75
C TRP A 170 2.47 0.34 14.15
N VAL A 171 3.01 0.75 15.27
CA VAL A 171 4.16 0.07 15.83
C VAL A 171 3.76 -0.42 17.19
N PRO A 172 4.38 -1.52 17.61
CA PRO A 172 4.07 -2.03 18.94
C PRO A 172 4.46 -1.05 20.01
N ASP A 173 3.87 -1.23 21.19
CA ASP A 173 4.02 -0.33 22.31
C ASP A 173 5.46 0.14 22.49
N ALA A 174 6.42 -0.63 21.96
CA ALA A 174 7.82 -0.24 21.96
C ALA A 174 8.34 0.14 20.57
N ASN B 2 39.46 11.68 21.70
CA ASN B 2 39.66 10.56 20.78
C ASN B 2 38.63 10.51 19.64
N ALA B 3 37.43 11.04 19.92
CA ALA B 3 36.36 11.08 18.92
C ALA B 3 36.59 12.15 17.86
N GLU B 4 35.66 12.27 16.92
CA GLU B 4 35.84 13.14 15.78
C GLU B 4 34.54 13.57 15.10
N ARG B 5 34.34 14.86 14.96
CA ARG B 5 33.12 15.35 14.33
C ARG B 5 33.40 15.96 12.97
N ARG B 6 32.68 15.49 11.95
CA ARG B 6 32.94 15.95 10.58
C ARG B 6 31.78 15.76 9.61
N LEU B 7 31.76 16.57 8.55
N LEU B 7 31.74 16.61 8.59
CA LEU B 7 30.74 16.49 7.52
CA LEU B 7 30.80 16.47 7.48
C LEU B 7 31.16 15.42 6.51
C LEU B 7 31.25 15.30 6.63
N CYS B 8 30.33 14.41 6.30
CA CYS B 8 30.69 13.25 5.47
C CYS B 8 29.56 12.86 4.56
N ALA B 9 29.92 12.18 3.49
CA ALA B 9 28.91 11.53 2.69
C ALA B 9 28.88 10.06 3.11
N ILE B 10 27.68 9.57 3.31
CA ILE B 10 27.49 8.26 3.90
C ILE B 10 26.71 7.44 2.93
N LEU B 11 27.25 6.27 2.59
CA LEU B 11 26.64 5.33 1.67
C LEU B 11 26.16 4.08 2.43
N ALA B 12 24.88 3.74 2.32
CA ALA B 12 24.40 2.49 2.90
C ALA B 12 23.99 1.58 1.76
N ALA B 13 24.28 0.30 1.89
CA ALA B 13 23.92 -0.65 0.85
C ALA B 13 23.49 -1.97 1.45
N ASP B 14 22.42 -2.54 0.93
CA ASP B 14 22.02 -3.89 1.32
C ASP B 14 21.61 -4.66 0.08
N ALA B 16 18.87 -6.82 -2.13
CA ALA B 16 17.42 -7.00 -2.28
C ALA B 16 17.07 -8.45 -2.51
N GLY B 17 15.81 -8.79 -2.32
CA GLY B 17 15.27 -10.03 -2.85
C GLY B 17 15.59 -11.23 -2.02
N TYR B 18 15.37 -12.42 -2.58
CA TYR B 18 15.59 -13.70 -1.90
C TYR B 18 14.98 -13.77 -0.51
N SER B 19 13.77 -13.25 -0.38
CA SER B 19 13.06 -13.36 0.89
C SER B 19 13.32 -14.70 1.59
N ARG B 20 13.47 -14.67 2.89
CA ARG B 20 13.77 -15.90 3.61
C ARG B 20 12.50 -16.58 3.91
N LEU B 21 11.39 -16.00 3.49
CA LEU B 21 10.15 -16.70 3.72
C LEU B 21 10.01 -17.80 2.69
N GLU B 23 12.66 -20.08 2.24
CA GLU B 23 13.25 -21.19 2.97
C GLU B 23 14.23 -21.94 2.10
N ARG B 24 14.55 -21.34 0.96
CA ARG B 24 15.59 -21.85 0.08
C ARG B 24 16.97 -21.88 0.75
N ASN B 25 17.88 -22.63 0.15
CA ASN B 25 19.24 -22.78 0.64
C ASN B 25 20.01 -21.47 0.53
N GLU B 26 20.39 -20.95 1.68
CA GLU B 26 21.04 -19.65 1.71
C GLU B 26 22.40 -19.74 1.04
N THR B 27 23.09 -20.84 1.35
CA THR B 27 24.43 -21.11 0.81
C THR B 27 24.76 -20.55 -0.59
N ASP B 28 24.00 -20.94 -1.61
CA ASP B 28 24.30 -20.44 -2.95
C ASP B 28 24.31 -18.91 -3.10
N VAL B 29 23.22 -18.24 -2.70
CA VAL B 29 23.14 -16.78 -2.81
C VAL B 29 24.24 -16.04 -1.99
N LEU B 30 24.53 -16.53 -0.79
CA LEU B 30 25.61 -15.94 0.00
C LEU B 30 26.88 -15.84 -0.82
N ASN B 31 27.21 -16.93 -1.52
CA ASN B 31 28.44 -16.98 -2.33
C ASN B 31 28.55 -15.95 -3.43
N ARG B 32 27.44 -15.72 -4.10
CA ARG B 32 27.45 -14.86 -5.25
C ARG B 32 27.62 -13.44 -4.77
N GLN B 33 26.93 -13.11 -3.69
CA GLN B 33 27.04 -11.77 -3.16
C GLN B 33 28.46 -11.61 -2.64
N LYS B 34 28.98 -12.65 -2.01
CA LYS B 34 30.34 -12.63 -1.48
C LYS B 34 31.36 -12.31 -2.58
N LEU B 35 31.02 -12.67 -3.80
CA LEU B 35 31.92 -12.47 -4.93
C LEU B 35 31.87 -11.05 -5.40
N TYR B 36 30.65 -10.56 -5.59
CA TYR B 36 30.42 -9.19 -5.98
C TYR B 36 31.02 -8.22 -4.98
N ARG B 37 30.87 -8.53 -3.69
CA ARG B 37 31.43 -7.68 -2.65
C ARG B 37 32.92 -7.48 -2.85
N ARG B 38 33.66 -8.54 -3.18
CA ARG B 38 35.10 -8.43 -3.24
C ARG B 38 35.65 -8.14 -4.63
N GLU B 39 34.92 -8.50 -5.68
CA GLU B 39 35.38 -8.15 -7.03
C GLU B 39 34.82 -6.84 -7.54
N LEU B 40 33.57 -6.55 -7.22
CA LEU B 40 32.96 -5.33 -7.74
C LEU B 40 32.86 -4.20 -6.72
N ILE B 41 32.25 -4.48 -5.58
CA ILE B 41 31.94 -3.42 -4.64
C ILE B 41 33.14 -2.86 -3.88
N ASP B 42 33.81 -3.67 -3.07
CA ASP B 42 34.92 -3.18 -2.24
C ASP B 42 35.98 -2.36 -3.00
N PRO B 43 36.26 -2.74 -4.25
CA PRO B 43 37.20 -2.01 -5.10
C PRO B 43 36.65 -0.69 -5.63
N ALA B 44 35.37 -0.65 -5.99
CA ALA B 44 34.80 0.59 -6.46
C ALA B 44 34.97 1.62 -5.37
N ILE B 45 34.55 1.24 -4.17
CA ILE B 45 34.67 2.11 -3.02
C ILE B 45 36.13 2.52 -2.82
N ALA B 46 37.05 1.60 -3.04
CA ALA B 46 38.44 1.92 -2.68
C ALA B 46 39.05 2.82 -3.74
N GLN B 47 38.65 2.61 -4.98
CA GLN B 47 39.08 3.42 -6.12
C GLN B 47 38.52 4.86 -6.00
N ALA B 48 37.36 5.02 -5.38
CA ALA B 48 36.71 6.32 -5.26
C ALA B 48 37.10 7.04 -3.99
N GLY B 49 38.02 6.45 -3.24
CA GLY B 49 38.55 7.07 -2.02
C GLY B 49 37.70 6.93 -0.77
N GLY B 50 36.64 6.13 -0.84
CA GLY B 50 35.78 5.84 0.29
C GLY B 50 36.42 4.86 1.27
N GLN B 51 35.79 4.67 2.42
CA GLN B 51 36.27 3.70 3.38
C GLN B 51 35.11 2.90 3.92
N ILE B 52 35.18 1.59 3.81
CA ILE B 52 34.17 0.77 4.46
C ILE B 52 34.29 0.93 5.97
N VAL B 53 33.20 1.32 6.61
CA VAL B 53 33.22 1.53 8.05
C VAL B 53 32.94 0.22 8.76
N LYS B 54 31.90 -0.47 8.30
CA LYS B 54 31.44 -1.66 8.99
C LYS B 54 30.36 -2.32 8.20
N THR B 55 30.09 -3.57 8.53
CA THR B 55 28.92 -4.28 8.01
C THR B 55 28.15 -4.92 9.15
N THR B 56 26.83 -4.94 9.06
CA THR B 56 26.03 -5.55 10.12
C THR B 56 24.78 -6.15 9.52
N GLY B 57 23.85 -6.52 10.39
CA GLY B 57 22.58 -7.08 9.99
C GLY B 57 21.79 -6.09 9.16
N ASP B 58 22.17 -4.82 9.26
CA ASP B 58 21.46 -3.77 8.55
C ASP B 58 22.09 -3.48 7.22
N GLY B 59 23.28 -4.04 7.00
CA GLY B 59 24.01 -3.90 5.77
C GLY B 59 25.39 -3.34 5.97
N LEU B 61 28.04 0.12 5.71
CA LEU B 61 28.19 1.57 5.69
C LEU B 61 29.57 1.92 5.23
N ALA B 62 29.64 2.90 4.33
CA ALA B 62 30.90 3.41 3.89
C ALA B 62 30.86 4.91 3.98
N ARG B 63 32.03 5.53 4.08
CA ARG B 63 32.06 6.99 4.03
C ARG B 63 33.01 7.51 3.00
N PHE B 64 32.61 8.62 2.39
CA PHE B 64 33.45 9.33 1.45
C PHE B 64 33.64 10.77 1.90
N ASP B 65 34.70 11.40 1.41
CA ASP B 65 35.03 12.78 1.72
C ASP B 65 34.23 13.81 0.92
N THR B 66 33.66 13.36 -0.21
CA THR B 66 32.88 14.23 -1.05
C THR B 66 31.58 13.56 -1.47
N ALA B 67 30.58 14.39 -1.69
CA ALA B 67 29.28 13.95 -2.16
C ALA B 67 29.39 13.33 -3.52
N GLN B 68 30.17 13.94 -4.40
CA GLN B 68 30.27 13.42 -5.74
C GLN B 68 30.98 12.07 -5.76
N ALA B 69 31.97 11.85 -4.88
CA ALA B 69 32.70 10.59 -4.90
C ALA B 69 31.77 9.45 -4.52
N ALA B 70 30.99 9.67 -3.46
CA ALA B 70 30.03 8.69 -3.02
C ALA B 70 28.99 8.36 -4.11
N LEU B 71 28.46 9.36 -4.78
CA LEU B 71 27.46 9.12 -5.78
C LEU B 71 28.07 8.45 -7.02
N ARG B 72 29.29 8.86 -7.35
CA ARG B 72 29.99 8.26 -8.49
C ARG B 72 30.15 6.79 -8.19
N CYS B 73 30.49 6.48 -6.95
CA CYS B 73 30.74 5.09 -6.63
C CYS B 73 29.44 4.26 -6.71
N ALA B 74 28.38 4.74 -6.07
CA ALA B 74 27.07 4.11 -6.19
C ALA B 74 26.65 3.87 -7.65
N LEU B 75 26.79 4.90 -8.49
CA LEU B 75 26.46 4.78 -9.90
C LEU B 75 27.25 3.69 -10.62
N GLU B 76 28.55 3.65 -10.35
CA GLU B 76 29.46 2.67 -10.94
C GLU B 76 29.07 1.25 -10.52
N ILE B 77 28.82 1.07 -9.22
CA ILE B 77 28.33 -0.20 -8.74
C ILE B 77 27.00 -0.59 -9.39
N GLN B 78 26.00 0.27 -9.31
CA GLN B 78 24.67 -0.08 -9.83
C GLN B 78 24.64 -0.36 -11.32
N GLN B 79 25.48 0.34 -12.07
CA GLN B 79 25.48 0.16 -13.51
C GLN B 79 26.15 -1.16 -13.85
N ALA B 80 27.30 -1.45 -13.24
CA ALA B 80 27.93 -2.75 -13.43
C ALA B 80 27.01 -3.92 -13.09
N GLN B 82 24.03 -4.29 -13.14
CA GLN B 82 22.95 -4.51 -14.08
C GLN B 82 23.50 -5.30 -15.26
N GLN B 83 24.73 -4.99 -15.63
CA GLN B 83 25.35 -5.67 -16.74
C GLN B 83 25.80 -7.07 -16.34
N ARG B 84 26.54 -7.19 -15.25
CA ARG B 84 26.95 -8.50 -14.80
C ARG B 84 25.78 -9.46 -14.60
N GLU B 85 24.56 -8.93 -14.49
CA GLU B 85 23.42 -9.78 -14.18
C GLU B 85 22.38 -9.91 -15.30
N GLU B 86 22.59 -9.20 -16.40
CA GLU B 86 21.62 -9.19 -17.50
C GLU B 86 21.48 -10.54 -18.22
N ASP B 87 22.46 -11.42 -18.03
CA ASP B 87 22.45 -12.75 -18.64
C ASP B 87 21.61 -13.73 -17.83
N THR B 88 21.72 -13.63 -16.50
CA THR B 88 20.92 -14.48 -15.61
C THR B 88 19.44 -14.05 -15.65
N PRO B 89 18.52 -14.97 -15.36
CA PRO B 89 17.09 -14.65 -15.40
C PRO B 89 16.67 -13.66 -14.31
N ARG B 90 15.72 -12.78 -14.62
CA ARG B 90 15.35 -11.70 -13.70
C ARG B 90 15.09 -12.14 -12.27
N LYS B 91 14.51 -13.33 -12.10
CA LYS B 91 14.17 -13.80 -10.75
C LYS B 91 15.39 -14.34 -10.01
N GLU B 92 16.37 -14.84 -10.74
CA GLU B 92 17.57 -15.33 -10.06
C GLU B 92 18.73 -14.32 -10.02
N ARG B 93 18.42 -13.03 -10.21
CA ARG B 93 19.46 -12.00 -10.19
C ARG B 93 19.80 -11.54 -8.80
N ILE B 94 20.98 -10.93 -8.65
CA ILE B 94 21.36 -10.31 -7.40
C ILE B 94 21.29 -8.84 -7.60
N GLN B 95 20.75 -8.13 -6.61
CA GLN B 95 20.71 -6.67 -6.68
C GLN B 95 20.85 -6.01 -5.32
N TYR B 96 21.45 -4.83 -5.34
CA TYR B 96 21.65 -4.03 -4.15
C TYR B 96 20.68 -2.83 -4.16
N ARG B 97 20.33 -2.35 -2.97
CA ARG B 97 19.70 -1.05 -2.79
C ARG B 97 20.79 -0.20 -2.19
N ILE B 98 20.85 1.06 -2.60
CA ILE B 98 21.84 2.02 -2.05
C ILE B 98 21.18 3.33 -1.66
N GLY B 99 21.56 3.85 -0.50
CA GLY B 99 21.18 5.18 -0.05
C GLY B 99 22.39 6.05 0.23
N ILE B 100 22.25 7.34 -0.01
CA ILE B 100 23.34 8.26 0.27
C ILE B 100 22.81 9.50 0.95
N ASN B 101 23.42 9.89 2.06
CA ASN B 101 23.05 11.12 2.73
C ASN B 101 24.32 11.87 3.10
N ILE B 102 24.17 13.13 3.46
CA ILE B 102 25.34 13.85 3.89
C ILE B 102 24.98 14.45 5.20
N GLY B 103 25.95 14.62 6.08
CA GLY B 103 25.67 15.32 7.32
C GLY B 103 26.84 15.38 8.26
N ASP B 104 26.60 16.03 9.42
CA ASP B 104 27.59 16.14 10.50
C ASP B 104 27.51 14.85 11.30
N ILE B 105 28.47 13.96 11.10
CA ILE B 105 28.52 12.70 11.84
C ILE B 105 29.59 12.74 12.95
N VAL B 106 29.58 11.72 13.80
CA VAL B 106 30.70 11.46 14.68
C VAL B 106 31.48 10.23 14.21
N LEU B 107 32.78 10.37 14.11
CA LEU B 107 33.61 9.25 13.79
C LEU B 107 34.29 8.86 15.06
N GLU B 108 34.10 7.63 15.50
CA GLU B 108 34.85 7.17 16.65
C GLU B 108 35.05 5.65 16.74
N ASP B 109 36.31 5.27 16.65
CA ASP B 109 36.73 3.89 16.92
C ASP B 109 36.11 2.91 15.92
N GLY B 110 36.28 3.24 14.64
CA GLY B 110 35.85 2.40 13.53
C GLY B 110 34.36 2.40 13.32
N ASP B 111 33.65 3.26 14.05
CA ASP B 111 32.22 3.34 13.91
C ASP B 111 31.76 4.74 13.52
N ILE B 112 30.53 4.84 13.03
CA ILE B 112 30.00 6.12 12.57
C ILE B 112 28.65 6.39 13.22
N PHE B 113 28.49 7.58 13.77
CA PHE B 113 27.32 7.85 14.61
C PHE B 113 26.60 9.11 14.21
N GLY B 114 25.29 9.06 14.22
CA GLY B 114 24.52 10.29 14.07
C GLY B 114 23.36 10.15 13.12
N ASP B 115 22.50 11.17 13.13
CA ASP B 115 21.26 11.10 12.37
C ASP B 115 21.44 10.98 10.87
N ALA B 116 22.42 11.68 10.31
CA ALA B 116 22.62 11.62 8.87
C ALA B 116 22.92 10.17 8.47
N VAL B 117 23.51 9.41 9.39
CA VAL B 117 23.75 7.99 9.19
C VAL B 117 22.46 7.18 9.12
N ASN B 118 21.55 7.45 10.04
CA ASN B 118 20.32 6.69 10.08
C ASN B 118 19.46 6.99 8.87
N VAL B 119 19.47 8.25 8.46
CA VAL B 119 18.83 8.68 7.23
C VAL B 119 19.39 7.96 6.01
N ALA B 120 20.71 7.75 5.97
CA ALA B 120 21.27 7.09 4.81
C ALA B 120 20.80 5.62 4.80
N ALA B 121 20.66 5.04 5.98
CA ALA B 121 20.19 3.65 6.12
C ALA B 121 18.72 3.49 5.69
N ARG B 122 17.90 4.49 6.02
CA ARG B 122 16.50 4.54 5.58
C ARG B 122 16.35 4.65 4.06
N LEU B 123 17.22 5.45 3.43
CA LEU B 123 17.16 5.60 1.99
C LEU B 123 17.50 4.29 1.34
N GLU B 124 18.45 3.58 1.93
CA GLU B 124 18.84 2.31 1.37
C GLU B 124 17.63 1.35 1.46
N ALA B 125 17.01 1.32 2.62
CA ALA B 125 15.88 0.46 2.87
C ALA B 125 14.75 0.64 1.85
N ILE B 126 14.42 1.88 1.49
CA ILE B 126 13.21 2.16 0.70
C ILE B 126 13.51 2.29 -0.81
N SER B 127 14.76 2.10 -1.16
CA SER B 127 15.19 2.30 -2.51
C SER B 127 14.75 1.10 -3.33
N GLU B 128 14.58 1.31 -4.61
CA GLU B 128 14.23 0.25 -5.51
C GLU B 128 15.43 -0.65 -5.66
N PRO B 129 15.21 -1.96 -5.82
CA PRO B 129 16.32 -2.87 -6.05
C PRO B 129 17.14 -2.44 -7.28
N GLY B 130 18.44 -2.27 -7.10
CA GLY B 130 19.28 -1.89 -8.24
C GLY B 130 19.36 -0.40 -8.52
N ALA B 131 18.69 0.38 -7.69
CA ALA B 131 18.58 1.82 -7.86
C ALA B 131 19.39 2.49 -6.77
N ILE B 132 19.33 3.82 -6.73
CA ILE B 132 20.03 4.63 -5.76
C ILE B 132 19.07 5.69 -5.27
N CYS B 133 18.90 5.80 -3.95
CA CYS B 133 18.15 6.93 -3.36
C CYS B 133 19.07 7.86 -2.59
N VAL B 134 18.97 9.16 -2.86
CA VAL B 134 19.76 10.15 -2.13
C VAL B 134 18.85 11.16 -1.51
N SER B 135 19.36 11.84 -0.49
CA SER B 135 18.60 12.86 0.19
C SER B 135 18.72 14.13 -0.63
N ASP B 136 17.80 15.05 -0.35
CA ASP B 136 17.72 16.30 -1.05
C ASP B 136 19.06 17.05 -1.03
N ILE B 137 19.68 17.08 0.14
CA ILE B 137 21.01 17.66 0.34
C ILE B 137 22.04 17.13 -0.63
N VAL B 138 22.08 15.81 -0.82
CA VAL B 138 23.02 15.20 -1.73
C VAL B 138 22.60 15.58 -3.16
N HIS B 139 21.30 15.67 -3.37
CA HIS B 139 20.84 15.97 -4.69
C HIS B 139 21.26 17.38 -5.08
N GLN B 140 21.12 18.34 -4.17
CA GLN B 140 21.43 19.74 -4.49
C GLN B 140 22.92 19.97 -4.65
N ILE B 141 23.74 19.15 -3.99
CA ILE B 141 25.17 19.28 -4.08
C ILE B 141 25.72 18.58 -5.32
N THR B 142 24.98 17.61 -5.87
CA THR B 142 25.53 16.81 -6.99
C THR B 142 24.87 17.02 -8.35
N GLN B 143 23.61 17.49 -8.34
CA GLN B 143 22.80 17.78 -9.53
C GLN B 143 23.62 18.20 -10.75
N ASP B 144 24.50 19.18 -10.53
CA ASP B 144 25.17 19.87 -11.63
C ASP B 144 26.59 19.37 -11.90
N ARG B 145 27.01 18.30 -11.23
CA ARG B 145 28.31 17.67 -11.46
C ARG B 145 28.10 16.22 -11.88
N VAL B 146 26.88 15.73 -11.72
CA VAL B 146 26.53 14.36 -12.06
C VAL B 146 25.29 14.30 -12.95
N SER B 147 25.48 13.92 -14.21
CA SER B 147 24.45 14.08 -15.22
C SER B 147 23.26 13.13 -15.10
N GLU B 148 23.43 12.01 -14.40
CA GLU B 148 22.38 10.99 -14.29
C GLU B 148 21.12 11.53 -13.64
N PRO B 149 19.97 11.26 -14.26
CA PRO B 149 18.70 11.88 -13.86
C PRO B 149 18.15 11.23 -12.62
N PHE B 150 17.63 12.04 -11.71
CA PHE B 150 16.94 11.54 -10.54
C PHE B 150 15.48 11.98 -10.56
N THR B 151 14.63 11.23 -9.87
CA THR B 151 13.22 11.57 -9.75
C THR B 151 12.84 11.94 -8.34
N ASP B 152 12.12 13.05 -8.18
CA ASP B 152 11.65 13.47 -6.86
C ASP B 152 10.65 12.42 -6.37
N LEU B 153 11.01 11.74 -5.28
CA LEU B 153 10.20 10.66 -4.71
C LEU B 153 9.30 11.09 -3.52
N GLY B 154 9.24 12.38 -3.21
CA GLY B 154 8.43 12.83 -2.09
C GLY B 154 9.17 13.04 -0.78
N LEU B 155 8.44 13.41 0.24
CA LEU B 155 9.03 13.61 1.55
C LEU B 155 8.91 12.30 2.21
N GLN B 156 9.78 12.03 3.15
CA GLN B 156 9.84 10.70 3.73
C GLN B 156 10.08 10.79 5.23
N LYS B 157 9.11 10.35 6.03
CA LYS B 157 9.33 10.33 7.46
C LYS B 157 10.39 9.30 7.76
N VAL B 158 11.49 9.73 8.37
CA VAL B 158 12.45 8.77 8.90
C VAL B 158 12.21 8.59 10.39
N LYS B 159 12.27 7.34 10.85
CA LYS B 159 12.00 7.03 12.26
C LYS B 159 12.85 7.86 13.24
N ASN B 160 12.19 8.40 14.26
CA ASN B 160 12.87 9.22 15.28
C ASN B 160 13.51 10.52 14.81
N ILE B 161 13.28 10.94 13.57
CA ILE B 161 13.64 12.28 13.20
C ILE B 161 12.32 12.97 12.88
N THR B 162 12.31 14.30 12.98
CA THR B 162 11.03 14.95 13.00
C THR B 162 10.66 15.50 11.62
N ARG B 163 11.58 16.22 10.97
CA ARG B 163 11.29 16.69 9.62
C ARG B 163 11.52 15.60 8.59
N PRO B 164 10.47 15.27 7.82
CA PRO B 164 10.61 14.42 6.63
C PRO B 164 11.79 14.93 5.80
N ILE B 165 12.47 14.03 5.12
CA ILE B 165 13.52 14.42 4.20
C ILE B 165 12.99 14.20 2.80
N ARG B 166 13.28 15.09 1.87
CA ARG B 166 12.90 14.77 0.50
C ARG B 166 13.92 13.85 -0.16
N VAL B 167 13.42 12.84 -0.87
CA VAL B 167 14.26 11.80 -1.43
C VAL B 167 14.23 11.78 -2.94
N TRP B 168 15.42 11.66 -3.52
CA TRP B 168 15.59 11.59 -4.95
C TRP B 168 16.04 10.19 -5.34
N GLN B 169 15.48 9.65 -6.43
CA GLN B 169 15.78 8.29 -6.83
C GLN B 169 16.21 8.19 -8.29
N TRP B 170 17.32 7.50 -8.52
CA TRP B 170 17.81 7.26 -9.83
C TRP B 170 17.62 5.80 -10.08
N VAL B 171 17.10 5.47 -11.24
CA VAL B 171 16.91 4.07 -11.60
C VAL B 171 17.77 3.79 -12.82
N PRO B 172 18.29 2.56 -12.93
CA PRO B 172 19.01 2.12 -14.15
C PRO B 172 18.03 1.69 -15.27
N ASP B 173 18.31 2.01 -16.52
CA ASP B 173 17.37 1.64 -17.60
C ASP B 173 17.59 0.26 -18.21
N ALA C 3 -24.71 -15.09 9.40
CA ALA C 3 -23.34 -15.10 9.91
C ALA C 3 -22.32 -15.15 8.77
N GLU C 4 -22.22 -14.06 8.01
CA GLU C 4 -21.27 -13.95 6.90
C GLU C 4 -20.73 -12.50 6.73
N ARG C 5 -19.39 -12.37 6.74
CA ARG C 5 -18.69 -11.07 6.71
C ARG C 5 -17.93 -10.92 5.41
N ARG C 6 -17.99 -9.76 4.77
CA ARG C 6 -17.24 -9.60 3.51
C ARG C 6 -17.15 -8.18 2.93
N LEU C 7 -16.02 -7.88 2.29
CA LEU C 7 -15.75 -6.57 1.70
C LEU C 7 -16.60 -6.38 0.45
N CYS C 8 -17.48 -5.38 0.46
CA CYS C 8 -18.46 -5.20 -0.62
C CYS C 8 -18.57 -3.78 -1.03
N ALA C 9 -18.89 -3.56 -2.31
CA ALA C 9 -19.45 -2.29 -2.71
C ALA C 9 -20.96 -2.31 -2.46
N ILE C 10 -21.45 -1.22 -1.90
CA ILE C 10 -22.84 -1.10 -1.52
C ILE C 10 -23.42 0.10 -2.25
N LEU C 11 -24.55 -0.11 -2.90
CA LEU C 11 -25.20 0.97 -3.63
C LEU C 11 -26.56 1.26 -3.01
N ALA C 12 -26.80 2.53 -2.69
CA ALA C 12 -28.05 2.96 -2.09
C ALA C 12 -28.67 3.97 -3.01
N ALA C 13 -29.94 3.75 -3.33
CA ALA C 13 -30.68 4.60 -4.24
C ALA C 13 -32.09 4.83 -3.70
N ASP C 14 -32.62 6.02 -3.95
CA ASP C 14 -34.03 6.30 -3.67
C ASP C 14 -34.49 7.38 -4.64
N ALA C 16 -36.04 10.91 -6.04
CA ALA C 16 -35.94 12.32 -5.71
C ALA C 16 -37.25 13.03 -5.91
N GLY C 17 -37.73 13.61 -4.82
CA GLY C 17 -38.85 14.52 -4.89
C GLY C 17 -40.17 13.88 -4.52
N TYR C 18 -41.21 14.33 -5.22
CA TYR C 18 -42.55 13.89 -4.94
C TYR C 18 -42.73 13.59 -3.45
N SER C 19 -42.46 14.60 -2.62
CA SER C 19 -42.51 14.45 -1.17
C SER C 19 -43.86 13.94 -0.78
N ARG C 20 -43.88 13.03 0.19
CA ARG C 20 -45.14 12.41 0.55
C ARG C 20 -46.18 13.43 0.96
N LEU C 21 -45.78 14.58 1.48
CA LEU C 21 -46.81 15.53 1.93
C LEU C 21 -47.39 16.42 0.81
N GLU C 26 -50.09 11.34 -8.39
CA GLU C 26 -49.08 10.46 -7.82
C GLU C 26 -49.11 9.09 -8.49
N THR C 27 -50.26 8.71 -9.03
CA THR C 27 -50.42 7.42 -9.70
C THR C 27 -49.59 7.34 -10.98
N ASP C 28 -49.86 8.28 -11.89
CA ASP C 28 -49.21 8.28 -13.20
C ASP C 28 -47.71 8.32 -13.05
N VAL C 29 -47.26 8.50 -11.83
CA VAL C 29 -45.83 8.51 -11.58
C VAL C 29 -45.37 7.32 -10.75
N LEU C 30 -46.27 6.61 -10.07
CA LEU C 30 -45.85 5.36 -9.43
C LEU C 30 -45.75 4.25 -10.46
N ASN C 31 -46.76 4.14 -11.32
CA ASN C 31 -46.74 3.06 -12.29
C ASN C 31 -45.49 3.14 -13.17
N ARG C 32 -45.24 4.31 -13.77
CA ARG C 32 -44.07 4.47 -14.64
C ARG C 32 -42.76 4.26 -13.89
N GLN C 33 -42.85 4.08 -12.58
CA GLN C 33 -41.69 3.71 -11.78
C GLN C 33 -41.41 2.22 -11.92
N LYS C 34 -42.43 1.39 -11.71
CA LYS C 34 -42.24 -0.04 -11.81
C LYS C 34 -41.76 -0.38 -13.23
N LEU C 35 -41.98 0.56 -14.14
CA LEU C 35 -41.45 0.47 -15.49
C LEU C 35 -39.94 0.66 -15.51
N TYR C 36 -39.46 1.77 -14.96
CA TYR C 36 -38.02 1.98 -14.91
C TYR C 36 -37.35 0.89 -14.09
N ARG C 37 -38.00 0.40 -13.05
CA ARG C 37 -37.39 -0.65 -12.25
C ARG C 37 -37.20 -1.92 -13.05
N ARG C 38 -38.20 -2.29 -13.84
CA ARG C 38 -38.16 -3.53 -14.60
C ARG C 38 -37.34 -3.44 -15.87
N GLU C 39 -37.43 -2.30 -16.55
CA GLU C 39 -36.75 -2.18 -17.83
C GLU C 39 -35.36 -1.54 -17.73
N LEU C 40 -35.11 -0.79 -16.66
CA LEU C 40 -33.84 -0.07 -16.53
C LEU C 40 -32.95 -0.43 -15.33
N ILE C 41 -33.55 -0.56 -14.16
CA ILE C 41 -32.78 -0.75 -12.95
C ILE C 41 -32.29 -2.17 -12.81
N ASP C 42 -33.22 -3.12 -12.78
CA ASP C 42 -32.84 -4.50 -12.59
C ASP C 42 -31.93 -4.97 -13.71
N PRO C 43 -32.20 -4.54 -14.95
CA PRO C 43 -31.29 -4.97 -16.02
C PRO C 43 -29.88 -4.42 -15.84
N ALA C 44 -29.74 -3.20 -15.34
CA ALA C 44 -28.40 -2.64 -15.05
C ALA C 44 -27.66 -3.36 -13.93
N ILE C 45 -28.33 -3.57 -12.80
CA ILE C 45 -27.72 -4.28 -11.69
C ILE C 45 -27.28 -5.66 -12.14
N ALA C 46 -28.20 -6.40 -12.74
CA ALA C 46 -27.90 -7.75 -13.19
C ALA C 46 -26.71 -7.78 -14.13
N GLN C 47 -26.62 -6.80 -15.01
CA GLN C 47 -25.58 -6.79 -16.06
C GLN C 47 -24.20 -6.54 -15.47
N ALA C 48 -24.13 -5.61 -14.52
CA ALA C 48 -22.89 -5.39 -13.76
C ALA C 48 -22.66 -6.46 -12.69
N GLY C 49 -23.43 -7.53 -12.73
CA GLY C 49 -23.22 -8.65 -11.83
C GLY C 49 -23.44 -8.34 -10.36
N GLY C 50 -24.39 -7.45 -10.07
CA GLY C 50 -24.75 -7.12 -8.71
C GLY C 50 -26.08 -7.71 -8.27
N GLN C 51 -26.43 -7.52 -7.02
CA GLN C 51 -27.66 -8.07 -6.48
C GLN C 51 -28.41 -7.03 -5.66
N ILE C 52 -29.73 -6.98 -5.84
CA ILE C 52 -30.59 -6.16 -4.99
C ILE C 52 -30.77 -6.86 -3.65
N VAL C 53 -30.51 -6.17 -2.56
CA VAL C 53 -30.74 -6.77 -1.25
C VAL C 53 -32.17 -6.59 -0.76
N LYS C 54 -32.60 -5.35 -0.59
CA LYS C 54 -33.97 -5.08 -0.18
C LYS C 54 -34.44 -3.77 -0.77
N THR C 55 -35.74 -3.61 -0.82
CA THR C 55 -36.32 -2.34 -1.13
C THR C 55 -37.25 -2.06 0.03
N THR C 56 -36.94 -1.01 0.78
CA THR C 56 -37.62 -0.73 2.03
C THR C 56 -38.18 0.67 2.00
N GLY C 57 -38.83 1.06 3.10
CA GLY C 57 -39.27 2.42 3.28
C GLY C 57 -38.18 3.42 2.92
N ASP C 58 -36.92 3.09 3.22
CA ASP C 58 -35.85 4.03 2.99
C ASP C 58 -35.27 3.91 1.59
N GLY C 59 -35.78 2.97 0.82
CA GLY C 59 -35.34 2.82 -0.55
C GLY C 59 -34.68 1.49 -0.86
N LEU C 61 -31.37 -1.09 -1.88
CA LEU C 61 -29.99 -1.34 -1.45
C LEU C 61 -29.42 -2.49 -2.27
N ALA C 62 -28.37 -2.22 -3.03
CA ALA C 62 -27.77 -3.27 -3.84
C ALA C 62 -26.34 -3.51 -3.44
N ARG C 63 -25.80 -4.67 -3.76
CA ARG C 63 -24.40 -4.86 -3.52
C ARG C 63 -23.65 -5.43 -4.73
N PHE C 64 -22.33 -5.30 -4.72
CA PHE C 64 -21.52 -5.78 -5.83
C PHE C 64 -20.21 -6.36 -5.34
N ASP C 65 -19.49 -6.96 -6.27
CA ASP C 65 -18.30 -7.70 -5.96
C ASP C 65 -17.06 -6.81 -6.13
N THR C 66 -17.21 -5.77 -6.93
CA THR C 66 -16.12 -4.85 -7.17
C THR C 66 -16.67 -3.44 -7.15
N ALA C 67 -15.85 -2.46 -6.80
CA ALA C 67 -16.24 -1.06 -6.85
C ALA C 67 -16.53 -0.63 -8.27
N GLN C 68 -15.67 -1.06 -9.19
CA GLN C 68 -15.82 -0.75 -10.60
C GLN C 68 -17.25 -1.04 -11.06
N ALA C 69 -17.73 -2.26 -10.83
CA ALA C 69 -19.06 -2.64 -11.33
C ALA C 69 -20.19 -1.74 -10.81
N ALA C 70 -20.11 -1.41 -9.54
CA ALA C 70 -21.15 -0.66 -8.88
C ALA C 70 -21.14 0.76 -9.41
N LEU C 71 -19.96 1.27 -9.73
CA LEU C 71 -19.88 2.60 -10.31
C LEU C 71 -20.48 2.59 -11.72
N ARG C 72 -20.07 1.62 -12.54
CA ARG C 72 -20.53 1.57 -13.92
C ARG C 72 -22.02 1.28 -14.01
N CYS C 73 -22.52 0.43 -13.13
CA CYS C 73 -23.95 0.24 -13.01
C CYS C 73 -24.69 1.58 -12.72
N ALA C 74 -24.24 2.31 -11.70
CA ALA C 74 -24.88 3.56 -11.30
C ALA C 74 -24.79 4.60 -12.41
N LEU C 75 -23.61 4.71 -13.00
CA LEU C 75 -23.38 5.55 -14.17
C LEU C 75 -24.22 5.15 -15.39
N GLU C 76 -24.62 3.89 -15.49
CA GLU C 76 -25.33 3.40 -16.66
C GLU C 76 -26.78 3.80 -16.48
N ILE C 77 -27.20 3.79 -15.23
CA ILE C 77 -28.58 4.08 -14.87
C ILE C 77 -28.88 5.56 -14.97
N GLN C 78 -28.06 6.38 -14.32
CA GLN C 78 -28.26 7.83 -14.30
C GLN C 78 -28.22 8.45 -15.67
N GLN C 79 -27.28 8.01 -16.49
CA GLN C 79 -27.18 8.52 -17.85
C GLN C 79 -28.33 8.09 -18.74
N ALA C 80 -28.79 6.86 -18.58
CA ALA C 80 -29.95 6.41 -19.32
C ALA C 80 -31.18 7.21 -18.85
N GLN C 82 -31.27 10.30 -17.58
CA GLN C 82 -31.35 11.64 -18.18
C GLN C 82 -31.98 11.58 -19.58
N GLN C 83 -31.66 10.53 -20.35
CA GLN C 83 -32.19 10.37 -21.71
C GLN C 83 -33.69 10.18 -21.63
N ARG C 84 -34.10 9.15 -20.92
CA ARG C 84 -35.48 8.70 -20.94
C ARG C 84 -36.48 9.71 -20.37
N GLU C 85 -35.97 10.81 -19.85
CA GLU C 85 -36.84 11.79 -19.23
C GLU C 85 -36.71 13.19 -19.83
N GLU C 86 -35.71 13.39 -20.67
CA GLU C 86 -35.42 14.72 -21.22
C GLU C 86 -36.59 15.36 -21.97
N ASP C 87 -37.60 14.58 -22.33
CA ASP C 87 -38.76 15.13 -23.03
C ASP C 87 -39.89 15.51 -22.07
N THR C 88 -39.93 14.85 -20.93
CA THR C 88 -40.82 15.28 -19.84
C THR C 88 -40.37 16.66 -19.37
N PRO C 89 -41.32 17.59 -19.18
CA PRO C 89 -40.95 18.92 -18.67
C PRO C 89 -40.11 18.84 -17.38
N ARG C 90 -39.26 19.84 -17.17
CA ARG C 90 -38.27 19.82 -16.09
C ARG C 90 -38.80 19.32 -14.75
N LYS C 91 -39.97 19.80 -14.34
CA LYS C 91 -40.47 19.50 -12.99
C LYS C 91 -41.43 18.30 -12.94
N GLU C 92 -41.54 17.57 -14.04
CA GLU C 92 -42.37 16.36 -14.10
C GLU C 92 -41.50 15.11 -14.21
N ARG C 93 -40.18 15.31 -14.21
CA ARG C 93 -39.24 14.22 -14.42
C ARG C 93 -39.05 13.38 -13.15
N ILE C 94 -38.57 12.16 -13.36
CA ILE C 94 -38.17 11.26 -12.27
C ILE C 94 -36.63 11.14 -12.19
N GLN C 95 -36.07 11.50 -11.04
CA GLN C 95 -34.64 11.35 -10.86
C GLN C 95 -34.37 10.57 -9.58
N TYR C 96 -33.31 9.79 -9.60
CA TYR C 96 -32.87 9.09 -8.41
C TYR C 96 -31.65 9.78 -7.79
N ARG C 97 -31.50 9.64 -6.48
CA ARG C 97 -30.24 9.94 -5.80
C ARG C 97 -29.50 8.63 -5.54
N ILE C 98 -28.21 8.62 -5.81
CA ILE C 98 -27.46 7.40 -5.64
C ILE C 98 -26.21 7.63 -4.80
N GLY C 99 -25.95 6.69 -3.88
CA GLY C 99 -24.79 6.75 -3.04
C GLY C 99 -24.10 5.41 -3.06
N ILE C 100 -22.78 5.41 -3.15
CA ILE C 100 -21.99 4.19 -3.23
C ILE C 100 -20.91 4.24 -2.15
N ASN C 101 -20.80 3.16 -1.37
CA ASN C 101 -19.71 3.00 -0.41
C ASN C 101 -19.09 1.60 -0.44
N ILE C 102 -17.98 1.41 0.24
CA ILE C 102 -17.35 0.11 0.34
C ILE C 102 -16.94 -0.16 1.79
N GLY C 103 -17.01 -1.42 2.21
CA GLY C 103 -16.51 -1.77 3.52
C GLY C 103 -16.87 -3.18 3.94
N ASP C 104 -16.58 -3.52 5.18
CA ASP C 104 -16.84 -4.83 5.70
C ASP C 104 -18.28 -4.84 6.14
N ILE C 105 -19.13 -5.60 5.48
CA ILE C 105 -20.52 -5.73 5.91
C ILE C 105 -20.84 -7.14 6.32
N VAL C 106 -21.94 -7.29 7.04
CA VAL C 106 -22.48 -8.61 7.36
C VAL C 106 -23.67 -8.95 6.48
N LEU C 107 -23.63 -10.12 5.86
CA LEU C 107 -24.74 -10.58 5.04
C LEU C 107 -25.47 -11.68 5.76
N GLU C 108 -26.49 -11.35 6.55
CA GLU C 108 -27.27 -12.37 7.22
C GLU C 108 -28.71 -12.34 6.76
N ASP C 109 -29.25 -13.51 6.46
CA ASP C 109 -30.69 -13.64 6.17
C ASP C 109 -31.22 -12.58 5.19
N GLY C 110 -30.49 -12.37 4.09
CA GLY C 110 -30.96 -11.53 3.01
C GLY C 110 -31.05 -10.05 3.31
N ASP C 111 -30.31 -9.60 4.33
CA ASP C 111 -30.18 -8.17 4.63
C ASP C 111 -28.69 -7.85 4.80
N ILE C 112 -28.33 -6.57 4.73
CA ILE C 112 -26.95 -6.17 4.97
C ILE C 112 -26.88 -5.20 6.13
N PHE C 113 -25.75 -5.22 6.83
CA PHE C 113 -25.59 -4.48 8.09
C PHE C 113 -24.17 -3.96 8.23
N GLY C 114 -24.02 -2.88 8.97
CA GLY C 114 -22.68 -2.41 9.31
C GLY C 114 -22.50 -0.94 8.99
N ASP C 115 -21.43 -0.34 9.53
CA ASP C 115 -21.20 1.08 9.33
C ASP C 115 -21.11 1.44 7.85
N ALA C 116 -20.54 0.56 7.03
CA ALA C 116 -20.41 0.86 5.62
C ALA C 116 -21.77 1.07 4.94
N VAL C 117 -22.83 0.40 5.41
CA VAL C 117 -24.17 0.63 4.87
C VAL C 117 -24.74 2.02 5.27
N ASN C 118 -24.61 2.41 6.53
CA ASN C 118 -25.02 3.76 6.91
C ASN C 118 -24.36 4.84 6.06
N VAL C 119 -23.07 4.67 5.75
CA VAL C 119 -22.40 5.60 4.85
C VAL C 119 -23.05 5.66 3.46
N ALA C 120 -23.35 4.52 2.86
CA ALA C 120 -23.98 4.56 1.53
C ALA C 120 -25.30 5.31 1.65
N ALA C 121 -25.94 5.16 2.78
CA ALA C 121 -27.25 5.78 2.99
C ALA C 121 -27.12 7.29 3.08
N ARG C 122 -26.07 7.75 3.76
CA ARG C 122 -25.84 9.17 3.91
C ARG C 122 -25.58 9.81 2.57
N LEU C 123 -24.74 9.16 1.76
CA LEU C 123 -24.40 9.67 0.45
C LEU C 123 -25.64 9.76 -0.46
N GLU C 124 -26.52 8.77 -0.39
CA GLU C 124 -27.76 8.84 -1.15
C GLU C 124 -28.53 10.05 -0.68
N ALA C 125 -28.65 10.22 0.64
CA ALA C 125 -29.45 11.30 1.19
C ALA C 125 -29.05 12.68 0.69
N ILE C 126 -27.75 12.92 0.56
CA ILE C 126 -27.26 14.26 0.24
C ILE C 126 -26.98 14.45 -1.24
N SER C 127 -26.85 13.35 -1.95
CA SER C 127 -26.60 13.39 -3.38
C SER C 127 -27.55 14.33 -4.05
N GLU C 128 -27.15 14.88 -5.17
CA GLU C 128 -28.09 15.66 -5.91
C GLU C 128 -28.99 14.78 -6.77
N PRO C 129 -30.24 15.21 -6.97
CA PRO C 129 -31.18 14.54 -7.87
C PRO C 129 -30.50 14.11 -9.18
N GLY C 130 -30.52 12.81 -9.48
CA GLY C 130 -29.89 12.27 -10.68
C GLY C 130 -28.36 12.24 -10.71
N ALA C 131 -27.72 12.61 -9.62
CA ALA C 131 -26.28 12.60 -9.52
C ALA C 131 -25.80 11.29 -8.91
N ILE C 132 -24.49 11.17 -8.71
CA ILE C 132 -23.90 10.05 -8.00
C ILE C 132 -22.92 10.55 -6.97
N CYS C 133 -23.12 10.16 -5.72
CA CYS C 133 -22.20 10.44 -4.63
C CYS C 133 -21.52 9.17 -4.16
N VAL C 134 -20.18 9.16 -4.25
CA VAL C 134 -19.36 8.03 -3.80
C VAL C 134 -18.44 8.41 -2.62
N SER C 135 -18.11 7.44 -1.78
CA SER C 135 -17.24 7.74 -0.66
C SER C 135 -15.80 7.73 -1.18
N ASP C 136 -14.88 8.28 -0.38
CA ASP C 136 -13.48 8.41 -0.76
C ASP C 136 -12.81 7.06 -1.05
N ILE C 137 -13.18 6.01 -0.30
CA ILE C 137 -12.68 4.66 -0.54
C ILE C 137 -12.95 4.31 -2.00
N VAL C 138 -14.19 4.59 -2.42
CA VAL C 138 -14.66 4.22 -3.75
C VAL C 138 -13.91 4.99 -4.80
N HIS C 139 -13.83 6.30 -4.58
CA HIS C 139 -13.15 7.18 -5.52
C HIS C 139 -11.69 6.78 -5.71
N GLN C 140 -11.03 6.42 -4.62
CA GLN C 140 -9.65 5.99 -4.69
C GLN C 140 -9.52 4.72 -5.52
N ILE C 141 -10.44 3.79 -5.34
CA ILE C 141 -10.36 2.59 -6.16
C ILE C 141 -10.73 2.81 -7.64
N THR C 142 -11.64 3.72 -7.93
CA THR C 142 -12.13 3.86 -9.32
C THR C 142 -11.64 5.05 -10.20
N GLN C 143 -11.22 6.16 -9.62
CA GLN C 143 -10.88 7.38 -10.39
C GLN C 143 -9.97 7.29 -11.66
N ASP C 144 -8.95 6.44 -11.64
CA ASP C 144 -8.04 6.31 -12.77
C ASP C 144 -8.67 5.36 -13.77
N ARG C 145 -9.62 4.55 -13.31
CA ARG C 145 -10.27 3.58 -14.17
C ARG C 145 -11.65 4.05 -14.68
N VAL C 146 -11.85 5.35 -14.80
CA VAL C 146 -13.15 5.87 -15.25
C VAL C 146 -13.07 7.31 -15.74
N SER C 147 -13.55 7.55 -16.96
CA SER C 147 -13.50 8.86 -17.63
C SER C 147 -14.38 9.92 -16.96
N GLU C 148 -15.45 9.50 -16.33
CA GLU C 148 -16.42 10.44 -15.80
C GLU C 148 -15.78 11.22 -14.66
N PRO C 149 -15.92 12.55 -14.68
CA PRO C 149 -15.33 13.38 -13.64
C PRO C 149 -16.12 13.32 -12.32
N PHE C 150 -15.45 13.47 -11.18
CA PHE C 150 -16.17 13.62 -9.93
C PHE C 150 -15.71 14.88 -9.28
N THR C 151 -16.55 15.44 -8.45
CA THR C 151 -16.23 16.66 -7.76
C THR C 151 -16.07 16.36 -6.28
N ASP C 152 -15.01 16.88 -5.70
CA ASP C 152 -14.76 16.79 -4.25
C ASP C 152 -15.80 17.65 -3.51
N LEU C 153 -16.77 17.01 -2.88
CA LEU C 153 -17.78 17.76 -2.13
C LEU C 153 -17.34 18.02 -0.68
N GLY C 154 -16.15 17.59 -0.33
CA GLY C 154 -15.64 17.79 1.01
C GLY C 154 -15.97 16.70 2.03
N LEU C 155 -15.64 16.98 3.29
CA LEU C 155 -15.87 16.09 4.42
C LEU C 155 -17.26 16.16 5.03
N GLN C 156 -17.72 14.99 5.45
CA GLN C 156 -19.04 14.73 5.97
C GLN C 156 -18.83 13.83 7.17
N LYS C 157 -19.19 14.26 8.37
CA LYS C 157 -19.00 13.41 9.54
C LYS C 157 -20.23 12.54 9.71
N VAL C 158 -20.04 11.21 9.76
CA VAL C 158 -21.13 10.26 9.95
C VAL C 158 -21.11 9.62 11.36
N LYS C 159 -22.27 9.52 11.99
CA LYS C 159 -22.36 8.95 13.33
C LYS C 159 -21.56 7.65 13.46
N ASN C 160 -20.86 7.50 14.60
CA ASN C 160 -20.14 6.28 14.95
C ASN C 160 -18.93 5.93 14.09
N ILE C 161 -18.52 6.88 13.25
CA ILE C 161 -17.37 6.71 12.40
C ILE C 161 -16.34 7.84 12.61
N THR C 162 -15.26 7.54 13.33
CA THR C 162 -14.34 8.60 13.76
C THR C 162 -13.95 9.53 12.61
N ARG C 163 -13.25 9.03 11.60
CA ARG C 163 -12.87 9.87 10.45
C ARG C 163 -14.07 10.26 9.62
N PRO C 164 -14.16 11.55 9.26
CA PRO C 164 -15.23 11.99 8.36
C PRO C 164 -14.91 11.47 6.98
N ILE C 165 -15.97 11.21 6.23
CA ILE C 165 -15.89 10.68 4.88
C ILE C 165 -15.74 11.81 3.89
N ARG C 166 -14.79 11.70 2.97
CA ARG C 166 -14.80 12.65 1.88
C ARG C 166 -15.68 12.10 0.77
N VAL C 167 -16.57 12.93 0.28
CA VAL C 167 -17.59 12.51 -0.66
C VAL C 167 -17.21 13.09 -2.03
N TRP C 168 -17.38 12.30 -3.06
CA TRP C 168 -17.06 12.76 -4.41
C TRP C 168 -18.31 12.59 -5.27
N GLN C 169 -18.67 13.60 -6.06
CA GLN C 169 -19.95 13.54 -6.76
C GLN C 169 -19.89 13.72 -8.29
N TRP C 170 -20.48 12.78 -9.02
CA TRP C 170 -20.64 12.91 -10.47
C TRP C 170 -22.03 13.40 -10.81
N VAL C 171 -22.14 14.28 -11.80
CA VAL C 171 -23.45 14.74 -12.30
C VAL C 171 -23.51 14.72 -13.84
N PRO C 172 -24.72 14.49 -14.40
CA PRO C 172 -24.89 14.37 -15.86
C PRO C 172 -24.45 15.60 -16.65
N ASP C 173 -23.88 15.35 -17.83
CA ASP C 173 -23.33 16.38 -18.69
C ASP C 173 -24.13 17.69 -18.78
N ALA C 174 -25.46 17.61 -18.92
CA ALA C 174 -26.30 18.80 -19.04
C ALA C 174 -25.83 19.94 -18.14
#